data_6QK4
#
_entry.id   6QK4
#
_cell.length_a   59.570
_cell.length_b   59.570
_cell.length_c   168.280
_cell.angle_alpha   90.00
_cell.angle_beta   90.00
_cell.angle_gamma   120.00
#
_symmetry.space_group_name_H-M   'P 32 2 1'
#
loop_
_entity.id
_entity.type
_entity.pdbx_description
1 polymer 'Membrane-bound lytic murein transglycosylase A'
2 water water
#
_entity_poly.entity_id   1
_entity_poly.type   'polypeptide(L)'
_entity_poly.pdbx_seq_one_letter_code
;GSPVRQGARPAGAAIVPGQIAAARLTPVAWQQVPGWQDDSLIGATIALRQNCARLARQANWQRACAAAMRLDDLDVGSAR
TFFETYFTPFQFANNDGTLDGLVTGYYEPLLHGSRVRRGPYQYALYRWPAGYRAGASMPARAQLMRSGALSGNELVWVDD
PIEAFFLQVQGSGRVVLDDGTVMRVGYGGTNNQPYRSIGKWLLDHGELGAGQATMQGIKAWARANPSRVDALLDTNPRFV
FFREMPSQEDVPHGGADGPVGALGVPLTPERSIAVDPSSIPLGTPVFLQTTRPMTNAPLNRLVFAQDVGTAIKGGVRADY
FWGLGDDAGDQAGRMKQNGRMWLLFPNS
;
_entity_poly.pdbx_strand_id   B
#
# COMPACT_ATOMS: atom_id res chain seq x y z
N PRO A 10 -15.99 17.81 -14.45
CA PRO A 10 -15.32 17.69 -13.15
C PRO A 10 -14.68 16.30 -12.94
N ALA A 11 -15.34 15.17 -13.27
CA ALA A 11 -14.68 13.87 -13.13
C ALA A 11 -13.84 13.51 -14.38
N GLY A 12 -12.85 12.67 -14.18
CA GLY A 12 -11.86 12.46 -15.20
C GLY A 12 -12.23 11.53 -16.35
N ALA A 13 -11.21 11.25 -17.15
CA ALA A 13 -11.35 10.41 -18.34
C ALA A 13 -11.66 8.98 -17.94
N ALA A 14 -12.55 8.36 -18.70
CA ALA A 14 -13.01 6.99 -18.48
C ALA A 14 -12.46 6.01 -19.51
N ILE A 15 -12.15 4.80 -19.06
CA ILE A 15 -11.59 3.79 -19.95
C ILE A 15 -12.65 3.23 -20.88
N VAL A 16 -12.29 3.07 -22.15
CA VAL A 16 -13.09 2.29 -23.10
C VAL A 16 -12.51 0.86 -23.08
N PRO A 17 -13.19 -0.11 -22.47
CA PRO A 17 -12.55 -1.40 -22.16
C PRO A 17 -12.37 -2.27 -23.39
N GLY A 18 -11.41 -3.16 -23.27
CA GLY A 18 -11.22 -4.17 -24.31
C GLY A 18 -10.43 -3.71 -25.52
N GLN A 19 -9.70 -2.59 -25.43
CA GLN A 19 -8.89 -2.21 -26.58
C GLN A 19 -7.58 -2.99 -26.66
N ILE A 20 -7.05 -3.06 -27.88
CA ILE A 20 -5.82 -3.85 -28.11
C ILE A 20 -4.84 -3.06 -28.96
N ALA A 21 -3.58 -3.50 -28.90
CA ALA A 21 -2.49 -2.81 -29.59
C ALA A 21 -1.54 -3.83 -30.21
N ALA A 22 -0.87 -3.39 -31.29
CA ALA A 22 0.00 -4.25 -32.10
C ALA A 22 1.43 -4.35 -31.56
N ALA A 23 1.81 -3.50 -30.60
CA ALA A 23 3.15 -3.53 -30.01
C ALA A 23 3.05 -3.42 -28.50
N ARG A 24 4.10 -3.92 -27.83
CA ARG A 24 4.22 -3.81 -26.37
C ARG A 24 4.30 -2.34 -25.91
N LEU A 25 5.08 -1.51 -26.59
CA LEU A 25 5.24 -0.09 -26.31
C LEU A 25 5.00 0.73 -27.58
N THR A 26 4.07 1.67 -27.52
CA THR A 26 3.73 2.51 -28.67
C THR A 26 3.86 3.96 -28.26
N PRO A 27 4.82 4.72 -28.81
CA PRO A 27 4.89 6.15 -28.48
C PRO A 27 3.65 6.91 -28.92
N VAL A 28 3.18 7.81 -28.08
CA VAL A 28 2.03 8.65 -28.41
C VAL A 28 2.35 10.09 -28.00
N ALA A 29 1.53 11.04 -28.50
CA ALA A 29 1.70 12.41 -28.05
C ALA A 29 1.07 12.57 -26.66
N TRP A 30 1.52 13.56 -25.91
CA TRP A 30 0.86 13.81 -24.64
C TRP A 30 -0.64 14.08 -24.82
N GLN A 31 -1.02 14.69 -25.96
CA GLN A 31 -2.43 14.93 -26.24
C GLN A 31 -3.22 13.64 -26.42
N GLN A 32 -2.54 12.49 -26.60
CA GLN A 32 -3.22 11.20 -26.70
C GLN A 32 -3.27 10.45 -25.38
N VAL A 33 -2.73 11.02 -24.29
CA VAL A 33 -2.93 10.34 -22.98
C VAL A 33 -4.24 10.83 -22.38
N PRO A 34 -5.28 10.01 -22.39
CA PRO A 34 -6.56 10.44 -21.87
C PRO A 34 -6.44 10.36 -20.36
N GLY A 35 -6.69 11.46 -19.77
CA GLY A 35 -6.58 11.57 -18.36
C GLY A 35 -5.44 12.45 -17.93
N TRP A 36 -4.50 12.77 -18.83
CA TRP A 36 -3.33 13.55 -18.39
C TRP A 36 -3.77 14.85 -17.73
N GLN A 37 -4.74 15.57 -18.32
CA GLN A 37 -5.14 16.83 -17.69
C GLN A 37 -5.98 16.66 -16.44
N ASP A 38 -6.51 15.45 -16.19
CA ASP A 38 -7.31 15.18 -15.00
C ASP A 38 -6.45 15.04 -13.73
N ASP A 39 -5.17 14.77 -13.88
CA ASP A 39 -4.30 14.68 -12.72
C ASP A 39 -3.81 16.07 -12.33
N SER A 40 -4.07 16.47 -11.08
CA SER A 40 -3.57 17.74 -10.58
C SER A 40 -2.07 17.80 -10.59
N LEU A 41 -1.42 16.63 -10.52
CA LEU A 41 0.04 16.43 -10.37
C LEU A 41 0.54 16.81 -8.98
N ILE A 42 -0.36 17.11 -8.03
CA ILE A 42 0.07 17.45 -6.68
C ILE A 42 0.69 16.23 -6.01
N GLY A 43 1.94 16.38 -5.59
CA GLY A 43 2.73 15.26 -5.07
C GLY A 43 3.65 14.61 -6.09
N ALA A 44 3.45 14.81 -7.38
CA ALA A 44 4.30 14.07 -8.33
C ALA A 44 5.78 14.46 -8.26
N THR A 45 6.10 15.75 -7.99
CA THR A 45 7.51 16.13 -7.87
C THR A 45 8.19 15.51 -6.66
N ILE A 46 7.44 15.23 -5.59
CA ILE A 46 8.04 14.60 -4.42
C ILE A 46 8.52 13.21 -4.79
N ALA A 47 7.66 12.43 -5.45
CA ALA A 47 8.04 11.08 -5.86
C ALA A 47 9.10 11.12 -6.94
N LEU A 48 9.06 12.15 -7.78
CA LEU A 48 10.12 12.36 -8.77
C LEU A 48 11.50 12.57 -8.14
N ARG A 49 11.60 13.40 -7.09
CA ARG A 49 12.91 13.57 -6.45
C ARG A 49 13.38 12.27 -5.80
N GLN A 50 12.46 11.49 -5.20
CA GLN A 50 12.92 10.19 -4.68
C GLN A 50 13.43 9.31 -5.81
N ASN A 51 12.72 9.29 -6.95
CA ASN A 51 13.19 8.55 -8.11
C ASN A 51 14.61 8.98 -8.52
N CYS A 52 14.84 10.29 -8.63
CA CYS A 52 16.14 10.80 -9.05
C CYS A 52 17.25 10.51 -8.05
N ALA A 53 16.89 10.27 -6.78
CA ALA A 53 17.92 9.87 -5.82
C ALA A 53 18.61 8.58 -6.27
N ARG A 54 17.93 7.73 -7.05
CA ARG A 54 18.55 6.52 -7.58
C ARG A 54 18.90 6.60 -9.06
N LEU A 55 18.32 7.52 -9.83
CA LEU A 55 18.53 7.53 -11.27
C LEU A 55 19.39 8.65 -11.80
N ALA A 56 19.72 9.67 -11.00
CA ALA A 56 20.23 10.91 -11.54
C ALA A 56 21.54 10.70 -12.31
N ARG A 57 22.32 9.72 -11.92
CA ARG A 57 23.60 9.60 -12.61
C ARG A 57 23.55 8.67 -13.82
N GLN A 58 22.42 7.99 -14.08
CA GLN A 58 22.32 7.25 -15.33
C GLN A 58 22.35 8.21 -16.49
N ALA A 59 23.10 7.84 -17.51
CA ALA A 59 23.19 8.67 -18.70
C ALA A 59 21.84 9.23 -19.18
N ASN A 60 20.82 8.37 -19.27
CA ASN A 60 19.55 8.75 -19.91
C ASN A 60 18.74 9.69 -19.03
N TRP A 61 19.04 9.72 -17.72
CA TRP A 61 18.30 10.49 -16.71
C TRP A 61 19.01 11.75 -16.25
N GLN A 62 20.27 11.97 -16.64
CA GLN A 62 21.00 13.07 -16.01
C GLN A 62 20.33 14.41 -16.28
N ARG A 63 19.95 14.69 -17.54
CA ARG A 63 19.37 15.99 -17.82
C ARG A 63 18.02 16.15 -17.14
N ALA A 64 17.16 15.15 -17.24
CA ALA A 64 15.84 15.26 -16.62
C ALA A 64 15.94 15.47 -15.12
N CYS A 65 16.83 14.70 -14.45
CA CYS A 65 17.00 14.83 -13.01
C CYS A 65 17.57 16.19 -12.63
N ALA A 66 18.51 16.72 -13.42
CA ALA A 66 19.00 18.08 -13.15
C ALA A 66 17.86 19.11 -13.21
N ALA A 67 17.00 19.02 -14.24
CA ALA A 67 15.87 19.95 -14.33
C ALA A 67 14.88 19.71 -13.22
N ALA A 68 14.71 18.43 -12.84
CA ALA A 68 13.70 18.13 -11.82
C ALA A 68 14.03 18.78 -10.49
N MET A 69 15.32 18.91 -10.18
CA MET A 69 15.71 19.50 -8.92
C MET A 69 15.39 20.99 -8.87
N ARG A 70 15.07 21.60 -10.00
CA ARG A 70 14.67 23.01 -9.98
C ARG A 70 13.17 23.22 -9.75
N LEU A 71 12.37 22.17 -9.68
CA LEU A 71 10.92 22.31 -9.57
C LEU A 71 10.49 22.37 -8.11
N ASP A 72 9.54 23.25 -7.77
CA ASP A 72 8.97 23.14 -6.43
C ASP A 72 7.68 22.30 -6.51
N ASP A 73 7.11 21.97 -5.34
CA ASP A 73 5.99 21.06 -5.31
C ASP A 73 4.64 21.75 -5.42
N LEU A 74 4.62 23.09 -5.53
CA LEU A 74 3.36 23.80 -5.61
C LEU A 74 2.98 24.19 -7.03
N ASP A 75 3.98 24.47 -7.86
CA ASP A 75 3.74 25.00 -9.20
C ASP A 75 3.50 23.80 -10.12
N VAL A 76 2.25 23.31 -10.17
CA VAL A 76 2.00 22.10 -10.98
C VAL A 76 1.94 22.45 -12.46
N GLY A 77 1.72 23.71 -12.80
CA GLY A 77 1.86 24.10 -14.20
C GLY A 77 3.25 23.83 -14.73
N SER A 78 4.29 24.24 -13.96
CA SER A 78 5.66 24.02 -14.37
C SER A 78 5.99 22.54 -14.37
N ALA A 79 5.49 21.78 -13.36
CA ALA A 79 5.75 20.35 -13.37
C ALA A 79 5.15 19.69 -14.61
N ARG A 80 3.93 20.11 -15.01
CA ARG A 80 3.33 19.53 -16.22
C ARG A 80 4.23 19.82 -17.42
N THR A 81 4.71 21.06 -17.52
CA THR A 81 5.60 21.39 -18.65
C THR A 81 6.87 20.56 -18.64
N PHE A 82 7.41 20.35 -17.45
CA PHE A 82 8.59 19.50 -17.34
C PHE A 82 8.32 18.10 -17.89
N PHE A 83 7.25 17.44 -17.42
CA PHE A 83 7.04 16.06 -17.86
C PHE A 83 6.81 16.02 -19.39
N GLU A 84 6.12 17.02 -19.93
CA GLU A 84 5.80 17.05 -21.36
C GLU A 84 7.04 17.30 -22.18
N THR A 85 8.03 17.98 -21.61
CA THR A 85 9.26 18.40 -22.27
C THR A 85 10.35 17.34 -22.18
N TYR A 86 10.48 16.65 -21.03
CA TYR A 86 11.60 15.76 -20.83
C TYR A 86 11.29 14.30 -21.07
N PHE A 87 10.01 13.94 -21.26
CA PHE A 87 9.64 12.53 -21.38
C PHE A 87 8.69 12.34 -22.53
N THR A 88 8.73 11.14 -23.09
CA THR A 88 7.74 10.70 -24.05
C THR A 88 6.88 9.59 -23.44
N PRO A 89 5.56 9.66 -23.57
CA PRO A 89 4.74 8.54 -23.07
C PRO A 89 4.54 7.44 -24.10
N PHE A 90 4.55 6.17 -23.64
CA PHE A 90 4.39 5.01 -24.51
C PHE A 90 3.20 4.21 -24.00
N GLN A 91 2.18 4.10 -24.83
CA GLN A 91 1.06 3.20 -24.46
C GLN A 91 1.57 1.76 -24.25
N PHE A 92 1.22 1.14 -23.10
CA PHE A 92 1.81 -0.12 -22.67
C PHE A 92 0.79 -1.24 -22.77
N ALA A 93 1.13 -2.30 -23.52
CA ALA A 93 0.21 -3.42 -23.63
C ALA A 93 0.76 -4.70 -23.01
N ASN A 94 -0.17 -5.55 -22.60
CA ASN A 94 0.17 -6.93 -22.21
C ASN A 94 0.75 -7.71 -23.39
N ASN A 95 1.46 -8.79 -23.10
CA ASN A 95 2.09 -9.49 -24.24
C ASN A 95 1.06 -10.16 -25.15
N ASP A 96 -0.18 -10.33 -24.70
CA ASP A 96 -1.22 -10.82 -25.60
C ASP A 96 -1.88 -9.70 -26.43
N GLY A 97 -1.37 -8.48 -26.36
CA GLY A 97 -1.92 -7.35 -27.11
C GLY A 97 -3.00 -6.53 -26.40
N THR A 98 -3.53 -7.00 -25.28
CA THR A 98 -4.64 -6.28 -24.61
C THR A 98 -4.08 -5.10 -23.83
N LEU A 99 -4.86 -4.02 -23.75
CA LEU A 99 -4.40 -2.86 -22.98
C LEU A 99 -4.96 -2.83 -21.56
N ASP A 100 -6.05 -3.57 -21.28
CA ASP A 100 -6.60 -3.61 -19.93
C ASP A 100 -5.71 -4.41 -18.98
N GLY A 101 -5.55 -3.88 -17.74
CA GLY A 101 -4.89 -4.66 -16.69
C GLY A 101 -5.40 -4.29 -15.31
N LEU A 102 -4.95 -5.02 -14.29
CA LEU A 102 -5.58 -4.95 -12.99
C LEU A 102 -4.76 -4.07 -12.04
N VAL A 103 -5.45 -3.17 -11.34
CA VAL A 103 -4.86 -2.29 -10.32
C VAL A 103 -5.42 -2.70 -8.95
N THR A 104 -4.54 -3.17 -8.08
CA THR A 104 -4.93 -3.42 -6.70
C THR A 104 -4.30 -2.34 -5.81
N GLY A 105 -4.45 -2.44 -4.48
CA GLY A 105 -3.90 -1.40 -3.61
C GLY A 105 -3.23 -1.95 -2.36
N TYR A 106 -2.28 -1.17 -1.83
CA TYR A 106 -1.66 -1.54 -0.55
C TYR A 106 -1.40 -0.28 0.26
N TYR A 107 -1.02 -0.49 1.53
CA TYR A 107 -0.85 0.62 2.46
C TYR A 107 0.16 0.19 3.51
N GLU A 108 0.54 1.14 4.34
CA GLU A 108 1.39 0.82 5.49
C GLU A 108 0.62 1.05 6.78
N PRO A 109 0.35 0.02 7.59
CA PRO A 109 -0.37 0.27 8.85
C PRO A 109 0.42 1.22 9.73
N LEU A 110 -0.32 2.11 10.42
CA LEU A 110 0.34 3.06 11.32
C LEU A 110 -0.40 2.99 12.63
N LEU A 111 0.26 2.45 13.66
CA LEU A 111 -0.33 2.31 14.97
C LEU A 111 0.33 3.30 15.94
N HIS A 112 -0.27 3.45 17.12
CA HIS A 112 0.30 4.30 18.15
C HIS A 112 0.51 3.46 19.40
N GLY A 113 1.72 3.46 19.93
CA GLY A 113 2.01 2.60 21.04
C GLY A 113 3.04 3.18 22.00
N SER A 114 3.47 2.33 22.91
CA SER A 114 4.46 2.64 23.93
C SER A 114 5.27 1.38 24.17
N ARG A 115 6.52 1.53 24.61
CA ARG A 115 7.31 0.38 25.02
C ARG A 115 6.89 -0.18 26.37
N VAL A 116 6.10 0.55 27.16
CA VAL A 116 5.59 0.00 28.40
C VAL A 116 4.08 0.09 28.38
N ARG A 117 3.42 -0.83 29.09
CA ARG A 117 1.98 -0.77 29.21
C ARG A 117 1.58 0.41 30.11
N ARG A 118 0.73 1.31 29.61
CA ARG A 118 0.46 2.57 30.31
C ARG A 118 -0.63 3.31 29.57
N GLY A 119 -1.44 4.08 30.31
CA GLY A 119 -2.41 4.94 29.67
C GLY A 119 -3.24 4.16 28.66
N PRO A 120 -3.36 4.69 27.43
CA PRO A 120 -4.21 4.02 26.44
C PRO A 120 -3.53 2.80 25.82
N TYR A 121 -2.23 2.63 26.07
CA TYR A 121 -1.43 1.60 25.42
C TYR A 121 -1.60 0.28 26.18
N GLN A 122 -2.67 -0.47 25.85
CA GLN A 122 -3.01 -1.64 26.66
C GLN A 122 -3.05 -2.98 25.92
N TYR A 123 -2.69 -3.02 24.63
CA TYR A 123 -2.88 -4.20 23.79
C TYR A 123 -1.54 -4.56 23.17
N ALA A 124 -1.01 -5.75 23.49
CA ALA A 124 0.37 -6.07 23.11
C ALA A 124 0.48 -6.62 21.70
N LEU A 125 1.56 -6.26 21.02
CA LEU A 125 2.11 -7.06 19.92
C LEU A 125 3.17 -8.00 20.53
N TYR A 126 3.26 -9.23 20.01
CA TYR A 126 4.16 -10.23 20.59
C TYR A 126 5.25 -10.70 19.64
N ARG A 127 6.47 -10.88 20.18
CA ARG A 127 7.51 -11.61 19.45
C ARG A 127 7.20 -13.10 19.46
N TRP A 128 7.94 -13.84 18.64
CA TRP A 128 7.84 -15.29 18.73
C TRP A 128 8.20 -15.73 20.16
N PRO A 129 7.39 -16.57 20.79
CA PRO A 129 7.60 -16.87 22.22
C PRO A 129 8.88 -17.67 22.41
N ALA A 130 9.72 -17.19 23.32
CA ALA A 130 11.02 -17.85 23.55
C ALA A 130 10.84 -19.30 24.00
N GLY A 131 9.80 -19.58 24.77
CA GLY A 131 9.50 -20.96 25.14
C GLY A 131 8.81 -21.71 24.03
N TYR A 132 9.47 -21.77 22.86
CA TYR A 132 8.85 -22.45 21.73
C TYR A 132 9.85 -22.55 20.59
N ARG A 133 9.67 -23.57 19.77
CA ARG A 133 10.62 -23.91 18.72
C ARG A 133 10.11 -23.39 17.39
N ALA A 134 10.98 -22.66 16.67
CA ALA A 134 10.70 -22.16 15.33
C ALA A 134 9.85 -23.15 14.54
N GLY A 135 8.67 -22.71 14.13
CA GLY A 135 7.90 -23.49 13.19
C GLY A 135 7.21 -24.70 13.74
N ALA A 136 6.92 -24.74 15.03
CA ALA A 136 6.08 -25.78 15.59
C ALA A 136 4.66 -25.25 15.77
N SER A 137 3.68 -26.08 15.41
CA SER A 137 2.28 -25.64 15.45
C SER A 137 1.83 -25.35 16.88
N MET A 138 1.20 -24.20 17.04
CA MET A 138 0.60 -23.70 18.26
C MET A 138 -0.90 -23.83 18.17
N PRO A 139 -1.60 -23.70 19.30
CA PRO A 139 -3.06 -23.66 19.25
C PRO A 139 -3.56 -22.35 18.66
N ALA A 140 -4.87 -22.36 18.39
CA ALA A 140 -5.64 -21.17 18.00
C ALA A 140 -5.38 -19.98 18.93
N ARG A 141 -5.55 -18.77 18.37
CA ARG A 141 -5.43 -17.50 19.10
C ARG A 141 -6.05 -17.53 20.50
N ALA A 142 -7.26 -18.06 20.60
CA ALA A 142 -7.97 -17.92 21.85
C ALA A 142 -7.28 -18.68 22.97
N GLN A 143 -6.66 -19.82 22.63
CA GLN A 143 -6.00 -20.64 23.64
C GLN A 143 -4.56 -20.19 23.82
N LEU A 144 -3.91 -19.77 22.72
CA LEU A 144 -2.59 -19.17 22.83
C LEU A 144 -2.59 -18.00 23.82
N MET A 145 -3.58 -17.10 23.69
CA MET A 145 -3.67 -15.95 24.59
C MET A 145 -3.98 -16.36 26.02
N ARG A 146 -4.56 -17.55 26.25
CA ARG A 146 -4.97 -17.96 27.57
C ARG A 146 -3.97 -18.89 28.24
N SER A 147 -3.10 -19.53 27.48
CA SER A 147 -2.15 -20.50 28.03
C SER A 147 -1.09 -19.88 28.96
N GLY A 148 -0.81 -18.58 28.82
CA GLY A 148 0.35 -17.95 29.46
C GLY A 148 1.64 -18.00 28.64
N ALA A 149 1.67 -18.80 27.58
CA ALA A 149 2.84 -18.91 26.72
C ALA A 149 3.28 -17.56 26.13
N LEU A 150 2.38 -16.58 26.02
CA LEU A 150 2.81 -15.30 25.44
C LEU A 150 3.34 -14.29 26.46
N SER A 151 3.03 -14.48 27.74
CA SER A 151 3.44 -13.53 28.77
C SER A 151 4.95 -13.33 28.76
N GLY A 152 5.38 -12.07 28.91
CA GLY A 152 6.78 -11.71 28.84
C GLY A 152 7.36 -11.65 27.45
N ASN A 153 6.59 -12.01 26.40
CA ASN A 153 7.10 -11.93 25.04
C ASN A 153 6.56 -10.71 24.30
N GLU A 154 6.09 -9.71 25.05
CA GLU A 154 5.51 -8.51 24.44
C GLU A 154 6.61 -7.69 23.77
N LEU A 155 6.35 -7.21 22.56
CA LEU A 155 7.30 -6.39 21.82
C LEU A 155 7.03 -4.90 22.07
N VAL A 156 5.77 -4.52 22.15
CA VAL A 156 5.35 -3.13 22.30
C VAL A 156 3.84 -3.15 22.59
N TRP A 157 3.31 -2.04 23.13
CA TRP A 157 1.92 -1.96 23.50
C TRP A 157 1.19 -0.88 22.69
N VAL A 158 0.07 -1.25 22.04
CA VAL A 158 -0.60 -0.27 21.19
C VAL A 158 -1.98 0.10 21.75
N ASP A 159 -2.62 1.02 21.01
CA ASP A 159 -3.76 1.87 21.30
C ASP A 159 -5.09 1.16 21.16
N ASP A 160 -5.15 0.14 20.31
CA ASP A 160 -6.41 -0.33 19.81
C ASP A 160 -6.27 -1.80 19.45
N PRO A 161 -7.19 -2.66 19.86
CA PRO A 161 -7.03 -4.12 19.61
C PRO A 161 -7.44 -4.45 18.18
N ILE A 162 -8.32 -3.64 17.59
CA ILE A 162 -8.71 -3.82 16.19
C ILE A 162 -7.56 -3.45 15.26
N GLU A 163 -6.88 -2.32 15.52
CA GLU A 163 -5.66 -2.01 14.77
C GLU A 163 -4.59 -3.09 14.90
N ALA A 164 -4.39 -3.63 16.12
CA ALA A 164 -3.43 -4.71 16.30
C ALA A 164 -3.79 -5.92 15.45
N PHE A 165 -5.07 -6.27 15.45
CA PHE A 165 -5.57 -7.37 14.64
C PHE A 165 -5.27 -7.16 13.17
N PHE A 166 -5.54 -5.96 12.66
CA PHE A 166 -5.28 -5.75 11.23
C PHE A 166 -3.82 -5.55 10.90
N LEU A 167 -3.00 -5.18 11.89
CA LEU A 167 -1.57 -5.21 11.65
C LEU A 167 -1.11 -6.65 11.49
N GLN A 168 -1.65 -7.57 12.29
CA GLN A 168 -1.39 -8.99 12.09
C GLN A 168 -1.79 -9.47 10.70
N VAL A 169 -2.95 -9.02 10.20
CA VAL A 169 -3.36 -9.43 8.86
C VAL A 169 -2.34 -8.97 7.82
N GLN A 170 -1.79 -7.75 7.98
CA GLN A 170 -0.82 -7.27 7.02
C GLN A 170 0.55 -7.93 7.21
N GLY A 171 0.95 -8.24 8.44
CA GLY A 171 2.25 -8.82 8.71
C GLY A 171 3.33 -7.82 9.10
N SER A 172 3.13 -6.53 8.80
CA SER A 172 4.19 -5.57 9.02
C SER A 172 3.61 -4.16 9.05
N GLY A 173 4.35 -3.24 9.67
CA GLY A 173 3.87 -1.86 9.71
C GLY A 173 4.74 -1.05 10.65
N ARG A 174 4.24 0.11 11.04
CA ARG A 174 5.04 1.00 11.85
C ARG A 174 4.24 1.44 13.08
N VAL A 175 4.93 1.59 14.20
CA VAL A 175 4.29 1.98 15.45
C VAL A 175 4.90 3.31 15.90
N VAL A 176 4.08 4.35 15.95
CA VAL A 176 4.52 5.65 16.46
C VAL A 176 4.46 5.56 17.98
N LEU A 177 5.62 5.66 18.64
CA LEU A 177 5.69 5.47 20.09
C LEU A 177 5.58 6.79 20.84
N ASP A 178 5.13 6.70 22.10
CA ASP A 178 4.88 7.90 22.88
C ASP A 178 6.17 8.60 23.28
N ASP A 179 7.31 7.89 23.17
CA ASP A 179 8.66 8.44 23.02
C ASP A 179 8.70 9.74 22.24
N GLY A 180 8.16 9.69 21.04
CA GLY A 180 8.59 10.52 19.95
C GLY A 180 9.46 9.80 18.94
N THR A 181 9.64 8.48 19.09
CA THR A 181 10.36 7.63 18.16
C THR A 181 9.37 6.72 17.40
N VAL A 182 9.88 5.98 16.41
CA VAL A 182 9.06 5.12 15.57
C VAL A 182 9.66 3.73 15.57
N MET A 183 8.83 2.71 15.71
CA MET A 183 9.30 1.33 15.67
C MET A 183 8.72 0.66 14.45
N ARG A 184 9.57 0.13 13.56
CA ARG A 184 9.07 -0.68 12.45
C ARG A 184 9.01 -2.15 12.87
N VAL A 185 7.89 -2.80 12.57
CA VAL A 185 7.75 -4.21 12.89
C VAL A 185 7.53 -4.96 11.60
N GLY A 186 8.06 -6.18 11.54
CA GLY A 186 7.88 -7.06 10.40
C GLY A 186 7.51 -8.47 10.84
N TYR A 187 7.47 -9.40 9.90
CA TYR A 187 6.81 -10.69 10.10
C TYR A 187 7.70 -11.57 10.98
N GLY A 188 7.10 -12.16 12.01
CA GLY A 188 7.82 -12.88 13.03
C GLY A 188 7.29 -14.28 13.22
N GLY A 189 6.41 -14.75 12.34
CA GLY A 189 5.90 -16.11 12.44
C GLY A 189 4.42 -16.15 12.76
N THR A 190 3.89 -17.38 12.76
CA THR A 190 2.46 -17.64 12.81
C THR A 190 2.21 -18.88 13.66
N ASN A 191 0.97 -19.04 14.14
CA ASN A 191 0.60 -20.28 14.80
C ASN A 191 0.14 -21.34 13.79
N ASN A 192 0.21 -21.00 12.50
CA ASN A 192 -0.26 -21.81 11.37
C ASN A 192 -1.60 -22.44 11.67
N GLN A 193 -2.57 -21.55 11.91
CA GLN A 193 -3.96 -21.89 12.11
C GLN A 193 -4.75 -21.04 11.13
N PRO A 194 -5.93 -21.49 10.71
CA PRO A 194 -6.61 -20.85 9.57
C PRO A 194 -7.05 -19.42 9.89
N TYR A 195 -6.92 -18.54 8.89
CA TYR A 195 -7.50 -17.20 8.97
C TYR A 195 -9.01 -17.26 8.82
N ARG A 196 -9.71 -16.44 9.59
CA ARG A 196 -11.16 -16.27 9.45
C ARG A 196 -11.49 -14.81 9.68
N SER A 197 -12.07 -14.17 8.67
CA SER A 197 -12.27 -12.73 8.75
C SER A 197 -13.38 -12.34 9.74
N ILE A 198 -13.04 -11.45 10.67
CA ILE A 198 -14.05 -10.93 11.59
C ILE A 198 -15.06 -10.03 10.88
N GLY A 199 -14.68 -9.39 9.76
CA GLY A 199 -15.68 -8.64 9.02
C GLY A 199 -16.79 -9.55 8.48
N LYS A 200 -16.40 -10.65 7.86
CA LYS A 200 -17.36 -11.63 7.38
C LYS A 200 -18.22 -12.18 8.52
N TRP A 201 -17.63 -12.35 9.70
CA TRP A 201 -18.43 -12.79 10.83
C TRP A 201 -19.49 -11.76 11.18
N LEU A 202 -19.12 -10.47 11.22
CA LEU A 202 -20.14 -9.49 11.61
C LEU A 202 -21.23 -9.40 10.54
N LEU A 203 -20.86 -9.57 9.27
CA LEU A 203 -21.85 -9.56 8.20
C LEU A 203 -22.72 -10.81 8.27
N ASP A 204 -22.09 -11.99 8.30
CA ASP A 204 -22.84 -13.25 8.31
C ASP A 204 -23.81 -13.33 9.48
N HIS A 205 -23.49 -12.68 10.60
CA HIS A 205 -24.39 -12.71 11.75
C HIS A 205 -25.23 -11.43 11.87
N GLY A 206 -25.27 -10.59 10.84
CA GLY A 206 -26.19 -9.47 10.88
C GLY A 206 -25.79 -8.28 11.72
N GLU A 207 -24.56 -8.25 12.27
CA GLU A 207 -24.18 -7.10 13.08
C GLU A 207 -23.77 -5.89 12.24
N LEU A 208 -23.40 -6.11 10.98
CA LEU A 208 -22.96 -5.04 10.09
C LEU A 208 -23.69 -5.18 8.77
N GLY A 209 -24.06 -4.04 8.18
CA GLY A 209 -24.68 -4.06 6.87
C GLY A 209 -23.70 -4.28 5.73
N ALA A 210 -24.23 -4.75 4.59
CA ALA A 210 -23.48 -5.00 3.36
C ALA A 210 -22.39 -3.96 3.12
N GLY A 211 -22.68 -2.69 3.36
CA GLY A 211 -21.66 -1.68 3.08
C GLY A 211 -20.40 -1.75 3.96
N GLN A 212 -20.55 -2.20 5.21
CA GLN A 212 -19.90 -1.50 6.31
C GLN A 212 -18.81 -2.28 7.05
N ALA A 213 -18.33 -3.41 6.55
CA ALA A 213 -17.29 -4.14 7.29
C ALA A 213 -15.89 -3.72 6.84
N THR A 214 -15.69 -2.42 6.85
CA THR A 214 -14.34 -1.89 6.66
C THR A 214 -13.62 -1.92 7.99
N MET A 215 -12.31 -1.64 7.98
CA MET A 215 -11.69 -1.45 9.29
C MET A 215 -12.37 -0.35 10.11
N GLN A 216 -12.85 0.71 9.46
CA GLN A 216 -13.52 1.74 10.26
C GLN A 216 -14.87 1.27 10.77
N GLY A 217 -15.61 0.49 10.00
CA GLY A 217 -16.93 0.03 10.49
C GLY A 217 -16.78 -0.98 11.62
N ILE A 218 -15.74 -1.81 11.55
CA ILE A 218 -15.48 -2.77 12.60
C ILE A 218 -15.06 -2.04 13.88
N LYS A 219 -14.18 -1.04 13.75
CA LYS A 219 -13.84 -0.22 14.91
C LYS A 219 -15.07 0.42 15.52
N ALA A 220 -16.03 0.82 14.69
CA ALA A 220 -17.20 1.50 15.23
C ALA A 220 -18.05 0.52 16.01
N TRP A 221 -18.28 -0.66 15.42
CA TRP A 221 -19.01 -1.72 16.09
C TRP A 221 -18.35 -2.11 17.41
N ALA A 222 -17.01 -2.17 17.43
CA ALA A 222 -16.28 -2.47 18.66
C ALA A 222 -16.48 -1.39 19.71
N ARG A 223 -16.45 -0.12 19.28
CA ARG A 223 -16.78 1.01 20.15
C ARG A 223 -18.18 0.86 20.75
N ALA A 224 -19.12 0.35 19.96
CA ALA A 224 -20.48 0.17 20.44
C ALA A 224 -20.63 -1.04 21.36
N ASN A 225 -19.80 -2.08 21.19
CA ASN A 225 -19.97 -3.36 21.88
C ASN A 225 -18.68 -3.76 22.59
N PRO A 226 -18.18 -2.93 23.52
CA PRO A 226 -16.83 -3.17 24.07
C PRO A 226 -16.67 -4.51 24.76
N SER A 227 -17.74 -5.04 25.35
CA SER A 227 -17.69 -6.32 26.04
C SER A 227 -17.81 -7.51 25.09
N ARG A 228 -17.97 -7.27 23.78
CA ARG A 228 -17.96 -8.34 22.80
C ARG A 228 -16.67 -8.39 21.98
N VAL A 229 -15.76 -7.44 22.17
CA VAL A 229 -14.64 -7.33 21.22
C VAL A 229 -13.72 -8.54 21.35
N ASP A 230 -13.40 -8.94 22.58
CA ASP A 230 -12.44 -10.03 22.74
C ASP A 230 -12.93 -11.29 22.06
N ALA A 231 -14.20 -11.62 22.28
CA ALA A 231 -14.80 -12.82 21.65
C ALA A 231 -14.83 -12.71 20.14
N LEU A 232 -15.03 -11.52 19.58
CA LEU A 232 -15.00 -11.41 18.13
C LEU A 232 -13.60 -11.73 17.59
N LEU A 233 -12.58 -11.18 18.23
CA LEU A 233 -11.24 -11.42 17.71
C LEU A 233 -10.88 -12.91 17.79
N ASP A 234 -11.38 -13.59 18.84
CA ASP A 234 -11.12 -15.01 19.04
C ASP A 234 -11.79 -15.87 17.97
N THR A 235 -12.73 -15.34 17.20
CA THR A 235 -13.26 -16.14 16.10
C THR A 235 -12.26 -16.34 14.97
N ASN A 236 -11.10 -15.65 14.99
CA ASN A 236 -10.02 -15.89 14.03
C ASN A 236 -8.92 -16.71 14.67
N PRO A 237 -8.79 -17.99 14.37
CA PRO A 237 -7.78 -18.79 15.07
C PRO A 237 -6.35 -18.41 14.72
N ARG A 238 -6.13 -17.75 13.58
CA ARG A 238 -4.77 -17.38 13.22
C ARG A 238 -4.23 -16.29 14.14
N PHE A 239 -2.94 -16.40 14.45
CA PHE A 239 -2.20 -15.46 15.31
C PHE A 239 -0.81 -15.19 14.71
N VAL A 240 -0.48 -13.90 14.52
CA VAL A 240 0.76 -13.53 13.86
C VAL A 240 1.68 -12.83 14.86
N PHE A 241 2.96 -13.19 14.83
CA PHE A 241 4.00 -12.64 15.68
C PHE A 241 4.83 -11.66 14.87
N PHE A 242 5.63 -10.88 15.58
CA PHE A 242 6.37 -9.79 14.97
C PHE A 242 7.83 -9.79 15.41
N ARG A 243 8.65 -9.16 14.58
CA ARG A 243 10.03 -8.84 14.92
C ARG A 243 10.22 -7.34 14.70
N GLU A 244 11.03 -6.73 15.57
CA GLU A 244 11.45 -5.35 15.36
C GLU A 244 12.47 -5.29 14.25
N MET A 245 12.29 -4.31 13.35
CA MET A 245 13.08 -4.09 12.16
C MET A 245 14.20 -3.08 12.42
N PRO A 246 15.29 -3.20 11.66
CA PRO A 246 16.42 -2.28 11.85
C PRO A 246 16.05 -0.83 11.57
N SER A 247 16.47 0.05 12.48
CA SER A 247 16.22 1.48 12.35
C SER A 247 16.97 2.10 11.18
N ALA A 256 9.92 9.02 9.78
CA ALA A 256 9.78 10.36 9.18
C ALA A 256 8.84 10.36 7.97
N ASP A 257 9.16 9.53 6.97
CA ASP A 257 8.43 9.42 5.70
C ASP A 257 7.86 7.99 5.57
N GLY A 258 7.20 7.72 4.43
CA GLY A 258 6.64 6.40 4.14
C GLY A 258 7.65 5.25 4.18
N PRO A 259 7.19 4.02 4.01
CA PRO A 259 8.12 2.88 4.05
C PRO A 259 9.08 2.93 2.89
N VAL A 260 10.26 2.28 3.06
CA VAL A 260 11.20 2.15 1.95
C VAL A 260 10.81 0.93 1.14
N GLY A 261 10.74 1.08 -0.17
CA GLY A 261 10.39 0.02 -1.08
C GLY A 261 11.60 -0.58 -1.75
N ALA A 262 11.34 -1.35 -2.82
CA ALA A 262 12.40 -2.13 -3.45
C ALA A 262 13.40 -1.25 -4.20
N LEU A 263 12.97 -0.07 -4.62
CA LEU A 263 13.89 0.87 -5.26
C LEU A 263 14.86 1.47 -4.24
N GLY A 264 14.61 1.32 -2.96
CA GLY A 264 15.48 1.86 -1.95
C GLY A 264 15.12 3.23 -1.47
N VAL A 265 13.96 3.75 -1.85
CA VAL A 265 13.57 5.11 -1.46
C VAL A 265 12.23 5.04 -0.76
N PRO A 266 11.94 5.99 0.11
CA PRO A 266 10.60 6.05 0.73
C PRO A 266 9.50 6.19 -0.32
N LEU A 267 8.46 5.40 -0.19
CA LEU A 267 7.28 5.52 -1.08
C LEU A 267 6.47 6.78 -0.79
N THR A 268 5.86 7.36 -1.88
CA THR A 268 5.02 8.55 -1.71
C THR A 268 3.55 8.16 -1.85
N PRO A 269 2.70 8.48 -0.88
CA PRO A 269 1.28 8.10 -1.00
C PRO A 269 0.67 8.58 -2.31
N GLU A 270 -0.08 7.69 -2.97
CA GLU A 270 -0.74 7.95 -4.27
C GLU A 270 0.20 8.42 -5.37
N ARG A 271 1.52 8.17 -5.25
CA ARG A 271 2.43 8.50 -6.34
C ARG A 271 3.44 7.40 -6.56
N SER A 272 3.34 6.26 -5.83
CA SER A 272 4.25 5.14 -5.99
C SER A 272 3.42 3.91 -6.28
N ILE A 273 3.87 3.08 -7.21
CA ILE A 273 3.24 1.79 -7.43
C ILE A 273 4.28 0.67 -7.32
N ALA A 274 3.80 -0.49 -6.85
CA ALA A 274 4.53 -1.73 -7.01
C ALA A 274 4.17 -2.39 -8.35
N VAL A 275 5.20 -2.90 -9.05
CA VAL A 275 5.07 -3.49 -10.38
C VAL A 275 5.75 -4.86 -10.45
N ASP A 276 5.53 -5.53 -11.57
CA ASP A 276 6.36 -6.71 -11.91
C ASP A 276 7.58 -6.15 -12.63
N PRO A 277 8.77 -6.17 -12.01
CA PRO A 277 9.86 -5.35 -12.58
C PRO A 277 10.39 -5.88 -13.89
N SER A 278 10.10 -7.13 -14.24
CA SER A 278 10.48 -7.60 -15.57
C SER A 278 9.58 -7.06 -16.65
N SER A 279 8.40 -6.49 -16.31
CA SER A 279 7.57 -5.77 -17.26
C SER A 279 7.81 -4.27 -17.21
N ILE A 280 7.96 -3.71 -16.03
CA ILE A 280 8.13 -2.28 -15.80
C ILE A 280 9.33 -2.11 -14.86
N PRO A 281 10.47 -1.70 -15.37
CA PRO A 281 11.67 -1.59 -14.52
C PRO A 281 11.47 -0.59 -13.40
N LEU A 282 12.05 -0.89 -12.23
CA LEU A 282 12.02 0.11 -11.17
C LEU A 282 12.62 1.42 -11.65
N GLY A 283 11.94 2.51 -11.28
CA GLY A 283 12.30 3.85 -11.70
C GLY A 283 11.42 4.39 -12.84
N THR A 284 10.62 3.51 -13.50
CA THR A 284 9.82 3.97 -14.66
C THR A 284 8.67 4.82 -14.13
N PRO A 285 8.49 6.04 -14.61
CA PRO A 285 7.23 6.75 -14.34
C PRO A 285 6.13 6.17 -15.21
N VAL A 286 4.91 6.11 -14.67
CA VAL A 286 3.78 5.43 -15.31
C VAL A 286 2.58 6.36 -15.18
N PHE A 287 1.88 6.64 -16.30
CA PHE A 287 0.61 7.32 -16.16
C PHE A 287 -0.46 6.26 -16.05
N LEU A 288 -1.18 6.27 -14.93
CA LEU A 288 -2.15 5.24 -14.59
C LEU A 288 -3.57 5.80 -14.74
N GLN A 289 -4.39 5.10 -15.52
CA GLN A 289 -5.80 5.45 -15.65
C GLN A 289 -6.60 4.30 -15.07
N THR A 290 -7.40 4.58 -14.03
CA THR A 290 -8.13 3.52 -13.33
C THR A 290 -9.37 4.17 -12.64
N THR A 291 -9.89 3.58 -11.58
CA THR A 291 -11.00 4.18 -10.84
C THR A 291 -10.75 4.04 -9.34
N ARG A 292 -11.51 4.83 -8.55
CA ARG A 292 -11.37 4.77 -7.09
C ARG A 292 -12.20 3.62 -6.53
N PRO A 293 -11.70 2.95 -5.51
CA PRO A 293 -12.35 1.72 -5.04
C PRO A 293 -13.76 1.86 -4.50
N MET A 294 -14.08 2.91 -3.77
CA MET A 294 -15.41 2.87 -3.14
C MET A 294 -16.46 3.64 -3.93
N THR A 295 -16.03 4.71 -4.57
CA THR A 295 -16.97 5.52 -5.34
C THR A 295 -16.98 5.16 -6.81
N ASN A 296 -15.97 4.42 -7.30
CA ASN A 296 -15.84 4.06 -8.70
C ASN A 296 -15.61 5.28 -9.60
N ALA A 297 -15.21 6.43 -9.06
CA ALA A 297 -14.95 7.56 -9.94
C ALA A 297 -13.59 7.41 -10.65
N PRO A 298 -13.39 8.07 -11.79
CA PRO A 298 -12.08 7.99 -12.46
C PRO A 298 -10.94 8.45 -11.58
N LEU A 299 -9.81 7.74 -11.73
CA LEU A 299 -8.57 8.01 -11.00
C LEU A 299 -7.45 7.99 -12.05
N ASN A 300 -6.98 9.19 -12.41
CA ASN A 300 -5.93 9.34 -13.42
C ASN A 300 -4.70 9.91 -12.74
N ARG A 301 -3.59 9.15 -12.69
CA ARG A 301 -2.54 9.54 -11.74
C ARG A 301 -1.17 9.22 -12.34
N LEU A 302 -0.26 10.20 -12.35
CA LEU A 302 1.14 9.93 -12.67
C LEU A 302 1.79 9.36 -11.42
N VAL A 303 2.33 8.16 -11.54
CA VAL A 303 2.96 7.45 -10.44
C VAL A 303 4.35 6.98 -10.90
N PHE A 304 5.10 6.42 -9.94
CA PHE A 304 6.46 5.95 -10.25
C PHE A 304 6.60 4.51 -9.78
N ALA A 305 7.18 3.64 -10.63
CA ALA A 305 7.40 2.25 -10.25
C ALA A 305 8.55 2.16 -9.26
N GLN A 306 8.22 2.00 -7.96
CA GLN A 306 9.22 2.14 -6.92
C GLN A 306 9.13 0.98 -5.97
N ASP A 307 8.39 -0.07 -6.33
CA ASP A 307 8.28 -1.20 -5.39
C ASP A 307 7.95 -2.43 -6.22
N VAL A 308 8.04 -3.61 -5.57
CA VAL A 308 7.60 -4.86 -6.16
C VAL A 308 6.79 -5.61 -5.10
N GLY A 309 6.14 -6.69 -5.51
CA GLY A 309 5.39 -7.48 -4.56
C GLY A 309 5.19 -8.90 -5.02
N THR A 310 5.07 -9.83 -4.04
CA THR A 310 5.00 -11.22 -4.45
C THR A 310 3.73 -11.54 -5.22
N ALA A 311 2.64 -10.78 -5.01
CA ALA A 311 1.42 -11.01 -5.76
C ALA A 311 1.35 -10.23 -7.08
N ILE A 312 2.31 -9.35 -7.37
CA ILE A 312 2.19 -8.38 -8.49
C ILE A 312 2.98 -8.94 -9.65
N LYS A 313 2.29 -9.70 -10.49
CA LYS A 313 2.93 -10.38 -11.61
C LYS A 313 2.13 -10.10 -12.88
N GLY A 314 2.79 -9.82 -13.97
CA GLY A 314 2.14 -9.67 -15.24
C GLY A 314 2.63 -8.44 -15.98
N GLY A 315 1.84 -7.97 -16.94
CA GLY A 315 2.26 -6.83 -17.74
C GLY A 315 1.65 -5.56 -17.19
N VAL A 316 0.44 -5.29 -17.66
CA VAL A 316 -0.29 -4.11 -17.17
C VAL A 316 -0.84 -4.54 -15.84
N ARG A 317 -0.08 -4.29 -14.79
CA ARG A 317 -0.44 -4.78 -13.45
C ARG A 317 0.22 -3.84 -12.45
N ALA A 318 -0.54 -3.34 -11.47
CA ALA A 318 0.09 -2.49 -10.47
C ALA A 318 -0.56 -2.67 -9.11
N ASP A 319 0.25 -2.48 -8.05
CA ASP A 319 -0.29 -2.27 -6.70
C ASP A 319 -0.14 -0.77 -6.34
N TYR A 320 -1.25 -0.08 -6.15
CA TYR A 320 -1.23 1.37 -5.91
C TYR A 320 -0.99 1.65 -4.41
N PHE A 321 0.06 2.41 -4.09
CA PHE A 321 0.34 2.69 -2.68
C PHE A 321 -0.54 3.81 -2.20
N TRP A 322 -1.53 3.48 -1.34
CA TRP A 322 -2.46 4.48 -0.81
C TRP A 322 -1.89 5.32 0.31
N GLY A 323 -0.78 4.92 0.98
CA GLY A 323 -0.31 5.76 2.04
C GLY A 323 -0.32 5.04 3.39
N LEU A 324 -0.30 5.81 4.48
CA LEU A 324 -0.18 5.31 5.85
C LEU A 324 -1.51 5.40 6.57
N GLY A 325 -1.82 4.39 7.37
CA GLY A 325 -2.96 4.48 8.27
C GLY A 325 -4.22 3.81 7.74
N ASP A 326 -5.29 3.87 8.57
CA ASP A 326 -6.42 3.00 8.30
C ASP A 326 -7.35 3.49 7.22
N ASP A 327 -7.42 4.79 6.96
CA ASP A 327 -8.20 5.20 5.80
C ASP A 327 -7.53 4.74 4.50
N ALA A 328 -6.20 4.88 4.43
CA ALA A 328 -5.44 4.33 3.29
C ALA A 328 -5.66 2.83 3.17
N GLY A 329 -5.66 2.13 4.31
CA GLY A 329 -5.89 0.68 4.25
C GLY A 329 -7.29 0.27 3.79
N ASP A 330 -8.31 1.06 4.14
CA ASP A 330 -9.65 0.69 3.68
C ASP A 330 -9.75 0.90 2.19
N GLN A 331 -9.08 1.93 1.67
CA GLN A 331 -9.07 2.11 0.22
C GLN A 331 -8.31 0.98 -0.42
N ALA A 332 -7.13 0.64 0.15
CA ALA A 332 -6.33 -0.43 -0.39
C ALA A 332 -7.10 -1.75 -0.41
N GLY A 333 -7.84 -2.03 0.67
CA GLY A 333 -8.55 -3.30 0.79
C GLY A 333 -9.61 -3.53 -0.27
N ARG A 334 -10.21 -2.47 -0.75
CA ARG A 334 -11.28 -2.58 -1.71
C ARG A 334 -10.80 -2.41 -3.13
N MET A 335 -9.51 -2.17 -3.37
CA MET A 335 -9.09 -1.77 -4.72
C MET A 335 -8.85 -3.02 -5.57
N LYS A 336 -9.61 -3.12 -6.67
CA LYS A 336 -9.45 -4.25 -7.59
C LYS A 336 -10.10 -3.79 -8.88
N GLN A 337 -9.38 -2.92 -9.60
CA GLN A 337 -9.95 -2.06 -10.63
C GLN A 337 -9.29 -2.31 -11.97
N ASN A 338 -10.10 -2.23 -13.03
CA ASN A 338 -9.48 -2.22 -14.37
C ASN A 338 -8.65 -0.95 -14.53
N GLY A 339 -7.56 -1.09 -15.30
CA GLY A 339 -6.63 0.01 -15.51
C GLY A 339 -5.93 -0.01 -16.86
N ARG A 340 -5.39 1.17 -17.21
CA ARG A 340 -4.56 1.39 -18.40
C ARG A 340 -3.26 2.12 -18.02
N MET A 341 -2.19 1.83 -18.74
CA MET A 341 -0.88 2.40 -18.42
C MET A 341 -0.20 2.99 -19.64
N TRP A 342 0.54 4.08 -19.43
CA TRP A 342 1.57 4.58 -20.33
C TRP A 342 2.88 4.65 -19.55
N LEU A 343 3.96 4.10 -20.11
CA LEU A 343 5.28 4.23 -19.50
C LEU A 343 5.98 5.45 -20.07
N LEU A 344 6.59 6.24 -19.20
CA LEU A 344 7.35 7.40 -19.66
C LEU A 344 8.83 7.01 -19.79
N PHE A 345 9.48 7.49 -20.88
CA PHE A 345 10.93 7.28 -21.00
C PHE A 345 11.56 8.64 -21.23
N PRO A 346 12.71 8.93 -20.64
CA PRO A 346 13.29 10.28 -20.83
C PRO A 346 13.77 10.51 -22.25
N ASN A 347 13.54 11.73 -22.75
CA ASN A 347 13.94 12.07 -24.12
C ASN A 347 15.45 11.98 -24.28
N SER A 348 16.20 12.54 -23.33
CA SER A 348 17.63 12.23 -23.18
C SER A 348 18.53 12.66 -24.37
#